data_8S4L
#
_entry.id   8S4L
#
loop_
_entity.id
_entity.type
_entity.pdbx_description
1 polymer 'orfamide A'
2 non-polymer '3-HYDROXY-TETRADECANOIC ACID'
#
_entity_poly.entity_id   1
_entity_poly.type   'polypeptide(D)'
_entity_poly.pdbx_seq_one_letter_code
;L(DGL)(2TL)(28J)(DLE)(DSN)LL(DSN)V
;
_entity_poly.pdbx_strand_id   A
#
loop_
_chem_comp.id
_chem_comp.type
_chem_comp.name
_chem_comp.formula
FTT non-polymer '3-HYDROXY-TETRADECANOIC ACID' 'C14 H28 O3'
#
# COMPACT_ATOMS: atom_id res chain seq x y z
N LEU A 1 6.52 2.05 -0.62
CA LEU A 1 5.75 2.18 -1.89
C LEU A 1 4.33 2.56 -1.73
N DGL A 2 4.01 3.58 -0.80
CA DGL A 2 2.62 4.00 -0.44
C DGL A 2 1.84 2.93 0.20
O DGL A 2 0.69 2.80 -0.10
CB DGL A 2 2.86 5.32 0.40
CG DGL A 2 3.49 5.14 1.80
CD DGL A 2 4.93 4.65 1.87
OE1 DGL A 2 5.72 4.99 0.99
OE2 DGL A 2 5.34 3.88 2.71
H DGL A 2 4.83 3.94 -0.31
HA DGL A 2 2.16 4.22 -1.40
HB2 DGL A 2 1.84 5.67 0.48
HB3 DGL A 2 3.34 6.07 -0.23
HG2 DGL A 2 2.81 4.49 2.36
HG3 DGL A 2 3.44 6.05 2.40
N 2TL A 3 2.48 2.05 1.04
CA 2TL A 3 1.71 1.03 1.88
CB 2TL A 3 2.65 0.32 2.88
OG1 2TL A 3 1.82 -0.51 3.74
CG2 2TL A 3 3.45 1.27 3.80
C 2TL A 3 1.10 -0.09 0.94
O 2TL A 3 -0.01 -0.61 1.04
H 2TL A 3 3.49 1.98 0.98
HA 2TL A 3 0.93 1.63 2.36
HB 2TL A 3 3.41 -0.25 2.34
HG21 2TL A 3 4.16 1.79 3.16
HG22 2TL A 3 3.83 0.49 4.48
HG23 2TL A 3 2.89 1.95 4.45
N 28J A 4 1.90 -0.44 -0.08
CA 28J A 4 1.60 -1.28 -1.26
CB 28J A 4 2.92 -1.76 -1.91
CG2 28J A 4 3.61 -2.77 -0.97
CG1 28J A 4 2.71 -2.45 -3.25
CD1 28J A 4 4.00 -2.85 -3.94
C 28J A 4 0.57 -0.51 -2.11
O 28J A 4 -0.57 -0.95 -2.24
H 28J A 4 2.86 -0.15 0.07
HA 28J A 4 1.00 -2.14 -0.98
H22 28J A 4 3.56 -0.91 -2.11
H23 28J A 4 3.65 -2.32 0.03
H24 28J A 4 4.62 -3.00 -1.32
H25 28J A 4 3.00 -3.68 -0.96
H26 28J A 4 2.14 -3.37 -3.10
H27 28J A 4 2.15 -1.86 -3.97
H28 28J A 4 4.44 -3.81 -3.63
H29 28J A 4 4.78 -2.10 -3.76
H30 28J A 4 3.88 -3.01 -5.02
N DLE A 5 0.89 0.69 -2.67
CA DLE A 5 0.05 1.53 -3.53
CB DLE A 5 0.85 2.83 -3.85
CG DLE A 5 1.80 2.71 -5.00
CD1 DLE A 5 2.56 4.00 -5.14
CD2 DLE A 5 0.96 2.49 -6.27
C DLE A 5 -1.33 1.91 -2.90
O DLE A 5 -2.28 2.27 -3.61
H DLE A 5 1.85 1.04 -2.62
HA DLE A 5 -0.20 1.00 -4.45
HB2 DLE A 5 1.38 3.22 -2.98
HB3 DLE A 5 0.18 3.62 -4.16
HG DLE A 5 2.47 1.87 -4.83
HD11 DLE A 5 2.80 4.44 -4.16
HD12 DLE A 5 2.08 4.77 -5.76
HD13 DLE A 5 3.45 3.82 -5.76
HD21 DLE A 5 1.61 2.57 -7.15
HD22 DLE A 5 0.20 3.26 -6.38
HD23 DLE A 5 0.63 1.45 -6.31
N DSN A 6 -1.51 1.75 -1.52
CA DSN A 6 -2.77 1.98 -0.79
C DSN A 6 -3.72 0.79 -0.84
O DSN A 6 -4.53 0.72 0.05
CB DSN A 6 -2.41 2.40 0.57
OG DSN A 6 -1.64 3.61 0.59
H DSN A 6 -0.71 1.34 -1.04
HA DSN A 6 -3.24 2.86 -1.26
HB2 DSN A 6 -1.83 1.70 1.16
HB3 DSN A 6 -3.27 2.63 1.20
HG DSN A 6 -0.69 3.39 0.60
N LEU A 7 -3.59 -0.28 -1.76
CA LEU A 7 -4.40 -1.54 -1.99
C LEU A 7 -3.92 -2.70 -1.09
N LEU A 8 -2.60 -2.79 -0.74
CA LEU A 8 -2.13 -3.91 0.04
C LEU A 8 -2.36 -3.76 1.55
N DSN A 9 -2.61 -2.48 2.04
CA DSN A 9 -2.95 -2.14 3.42
C DSN A 9 -1.74 -2.08 4.36
O DSN A 9 -1.88 -1.87 5.53
CB DSN A 9 -3.66 -0.81 3.52
OG DSN A 9 -4.90 -0.89 2.86
H DSN A 9 -2.53 -1.83 1.26
HA DSN A 9 -3.57 -2.96 3.75
HB2 DSN A 9 -3.09 0.06 3.20
HB3 DSN A 9 -3.96 -0.56 4.54
HG DSN A 9 -5.40 -0.07 2.98
N VAL A 10 -0.55 -2.54 3.88
CA VAL A 10 0.75 -2.49 4.62
C VAL A 10 1.82 -1.85 3.72
C1 FTT B . 6.23 1.22 0.41
C2 FTT B . 7.37 1.05 1.40
C3 FTT B . 7.53 -0.46 1.85
C4 FTT B . 7.81 -1.49 0.73
C5 FTT B . 7.74 -3.00 1.20
C6 FTT B . 6.38 -3.53 1.58
C7 FTT B . 6.38 -5.04 1.80
C8 FTT B . 5.09 -5.63 2.35
C9 FTT B . 5.15 -7.03 3.03
C10 FTT B . 3.79 -7.41 3.62
C11 FTT B . 3.76 -8.82 4.41
C12 FTT B . 2.48 -9.18 5.00
C13 FTT B . 2.48 -10.74 5.35
C14 FTT B . 1.16 -11.17 6.05
O2 FTT B . 5.07 0.71 0.56
O3 FTT B . 8.50 -0.33 2.81
H21 FTT B . 7.14 1.78 2.18
H22 FTT B . 8.32 1.41 0.97
H3 FTT B . 6.66 -0.76 2.44
H41 FTT B . 8.87 -1.40 0.45
H42 FTT B . 7.24 -1.35 -0.20
H51 FTT B . 8.41 -3.10 2.05
H52 FTT B . 8.20 -3.65 0.43
H61 FTT B . 5.64 -3.41 0.78
H62 FTT B . 6.09 -3.05 2.54
H71 FTT B . 7.17 -5.20 2.54
H72 FTT B . 6.60 -5.58 0.88
H81 FTT B . 4.39 -5.86 1.54
H82 FTT B . 4.62 -4.91 3.03
H91 FTT B . 5.89 -6.91 3.83
H92 FTT B . 5.51 -7.78 2.32
H101 FTT B . 2.98 -7.37 2.88
H102 FTT B . 3.56 -6.63 4.36
H111 FTT B . 4.53 -8.86 5.19
H112 FTT B . 4.08 -9.52 3.63
H121 FTT B . 1.73 -8.92 4.24
H122 FTT B . 2.27 -8.70 5.96
H131 FTT B . 3.38 -10.94 5.96
H132 FTT B . 2.58 -11.31 4.41
H141 FTT B . 0.31 -10.88 5.43
H142 FTT B . 1.19 -10.74 7.06
H143 FTT B . 1.23 -12.27 6.10
HO3 FTT B . 8.08 0.16 3.55
N LEU A 1 6.68 2.36 0.38
CA LEU A 1 6.41 2.12 -1.02
C LEU A 1 4.99 2.58 -1.36
N DGL A 2 4.52 3.60 -0.70
CA DGL A 2 3.17 4.09 -0.96
C DGL A 2 2.14 3.21 -0.24
O DGL A 2 0.95 3.39 -0.41
CB DGL A 2 3.06 5.54 -0.47
CG DGL A 2 3.21 6.50 -1.66
CD DGL A 2 2.78 7.90 -1.24
OE1 DGL A 2 1.83 7.99 -0.46
OE2 DGL A 2 3.38 8.85 -1.71
H DGL A 2 5.07 4.03 -0.01
HA DGL A 2 2.99 4.06 -2.03
HB2 DGL A 2 2.09 5.68 -0.01
HB3 DGL A 2 3.84 5.74 0.25
HG2 DGL A 2 4.25 6.52 -1.96
HG3 DGL A 2 2.60 6.16 -2.47
N 2TL A 3 2.59 2.28 0.56
CA 2TL A 3 1.64 1.43 1.27
CB 2TL A 3 2.33 0.79 2.47
OG1 2TL A 3 1.47 -0.19 3.03
CG2 2TL A 3 2.65 1.86 3.53
C 2TL A 3 1.13 0.33 0.33
O 2TL A 3 0.02 -0.13 0.46
H 2TL A 3 3.54 2.15 0.69
HA 2TL A 3 0.80 2.02 1.61
HB 2TL A 3 3.25 0.33 2.16
HG21 2TL A 3 1.77 2.06 4.12
HG22 2TL A 3 2.96 2.76 3.03
HG23 2TL A 3 3.44 1.50 4.16
N 28J A 4 1.94 -0.09 -0.60
CA 28J A 4 1.51 -1.14 -1.52
CB 28J A 4 2.73 -1.64 -2.31
CG2 28J A 4 3.75 -2.24 -1.35
CG1 28J A 4 2.27 -2.72 -3.31
CD1 28J A 4 3.28 -2.80 -4.46
C 28J A 4 0.46 -0.57 -2.48
O 28J A 4 -0.55 -1.20 -2.73
H 28J A 4 2.83 0.30 -0.68
HA 28J A 4 1.09 -1.95 -0.95
H22 28J A 4 3.18 -0.81 -2.86
H23 28J A 4 4.55 -1.54 -1.17
H24 28J A 4 4.17 -3.14 -1.79
H25 28J A 4 3.28 -2.49 -0.42
H26 28J A 4 2.23 -3.68 -2.80
H27 28J A 4 1.30 -2.47 -3.70
H28 28J A 4 3.16 -1.95 -5.10
H29 28J A 4 3.10 -3.70 -5.03
H30 28J A 4 4.29 -2.83 -4.06
N DLE A 5 0.68 0.60 -3.01
CA DLE A 5 -0.30 1.18 -3.94
CB DLE A 5 0.19 2.52 -4.52
CG DLE A 5 1.50 2.31 -5.30
CD1 DLE A 5 2.57 3.28 -4.78
CD2 DLE A 5 1.25 2.58 -6.79
C DLE A 5 -1.63 1.41 -3.22
O DLE A 5 -2.66 1.60 -3.85
H DLE A 5 1.50 1.08 -2.79
HA DLE A 5 -0.45 0.48 -4.75
HB2 DLE A 5 -0.56 2.91 -5.19
HB3 DLE A 5 0.34 3.24 -3.72
HG DLE A 5 1.85 1.30 -5.17
HD11 DLE A 5 3.50 2.76 -4.63
HD12 DLE A 5 2.25 3.71 -3.85
HD13 DLE A 5 2.72 4.07 -5.51
HD21 DLE A 5 1.93 1.98 -7.38
HD22 DLE A 5 1.42 3.62 -7.00
HD23 DLE A 5 0.23 2.32 -7.03
N DSN A 6 -1.64 1.40 -1.90
CA DSN A 6 -2.88 1.61 -1.18
C DSN A 6 -3.89 0.52 -1.54
O DSN A 6 -5.09 0.73 -1.56
CB DSN A 6 -2.61 1.58 0.32
OG DSN A 6 -2.43 0.23 0.75
H DSN A 6 -0.81 1.24 -1.41
HA DSN A 6 -3.30 2.58 -1.47
HB2 DSN A 6 -1.71 2.14 0.55
HB3 DSN A 6 -3.44 2.01 0.86
HG DSN A 6 -3.28 -0.09 1.06
N LEU A 7 -3.41 -0.66 -1.84
CA LEU A 7 -4.30 -1.76 -2.20
C LEU A 7 -4.01 -2.98 -1.33
N LEU A 8 -3.50 -2.78 -0.14
CA LEU A 8 -3.19 -3.91 0.72
C LEU A 8 -3.26 -3.46 2.19
N DSN A 9 -2.80 -2.29 2.48
CA DSN A 9 -2.84 -1.81 3.87
C DSN A 9 -1.51 -2.14 4.56
O DSN A 9 -1.49 -2.76 5.61
CB DSN A 9 -3.05 -0.30 3.87
OG DSN A 9 -1.86 0.35 3.46
H DSN A 9 -2.43 -1.71 1.78
HA DSN A 9 -3.65 -2.29 4.38
HB2 DSN A 9 -3.85 -0.03 3.19
HB3 DSN A 9 -3.30 0.03 4.87
HG DSN A 9 -1.91 0.52 2.51
N VAL A 10 -0.41 -1.73 3.99
CA VAL A 10 0.88 -2.01 4.60
C VAL A 10 1.89 -0.99 4.08
C1 FTT B . 5.97 1.77 1.31
C2 FTT B . 6.31 2.07 2.76
C3 FTT B . 6.25 0.78 3.59
C4 FTT B . 7.65 0.16 3.68
C5 FTT B . 7.52 -1.35 3.79
C6 FTT B . 7.51 -1.97 2.38
C7 FTT B . 8.95 -2.22 1.93
C8 FTT B . 9.03 -2.11 0.40
C9 FTT B . 8.41 -3.36 -0.23
C10 FTT B . 9.16 -3.69 -1.53
C11 FTT B . 10.25 -4.73 -1.25
C12 FTT B . 11.58 -4.02 -1.00
C13 FTT B . 12.69 -5.07 -0.76
C14 FTT B . 12.48 -5.58 0.66
O2 FTT B . 5.06 1.02 1.02
O3 FTT B . 5.78 1.08 4.89
H21 FTT B . 5.60 2.79 3.16
H22 FTT B . 7.30 2.49 2.82
H3 FTT B . 5.58 0.09 3.11
H41 FTT B . 8.15 0.55 4.56
H42 FTT B . 8.21 0.43 2.80
H51 FTT B . 6.60 -1.61 4.30
H52 FTT B . 8.36 -1.75 4.35
H61 FTT B . 7.03 -1.28 1.70
H62 FTT B . 6.97 -2.90 2.40
H71 FTT B . 9.26 -3.22 2.23
H72 FTT B . 9.60 -1.50 2.37
H81 FTT B . 10.06 -2.02 0.10
H82 FTT B . 8.48 -1.24 0.08
H91 FTT B . 7.38 -3.19 -0.45
H92 FTT B . 8.51 -4.19 0.45
H101 FTT B . 9.61 -2.80 -1.92
H102 FTT B . 8.46 -4.09 -2.26
H111 FTT B . 10.35 -5.38 -2.11
H112 FTT B . 9.98 -5.31 -0.38
H121 FTT B . 11.49 -3.39 -0.12
H122 FTT B . 11.84 -3.42 -1.86
H131 FTT B . 13.66 -4.62 -0.84
H132 FTT B . 12.59 -5.88 -1.47
H141 FTT B . 12.04 -4.75 1.22
H142 FTT B . 13.39 -5.83 1.18
H143 FTT B . 11.80 -6.42 0.67
HO3 FTT B . 5.15 0.39 5.14
N LEU A 1 6.62 2.40 -0.19
CA LEU A 1 6.06 2.27 -1.53
C LEU A 1 4.58 2.66 -1.50
N DGL A 2 4.23 3.61 -0.68
CA DGL A 2 2.84 4.04 -0.60
C DGL A 2 1.99 2.95 0.05
O DGL A 2 0.78 2.98 -0.01
CB DGL A 2 2.75 5.33 0.20
CG DGL A 2 1.67 6.23 -0.40
CD DGL A 2 0.35 6.01 0.32
OE1 DGL A 2 -0.68 5.99 -0.34
OE2 DGL A 2 0.37 5.84 1.53
H DGL A 2 4.91 4.03 -0.11
HA DGL A 2 2.47 4.22 -1.61
HB2 DGL A 2 2.49 5.09 1.23
HB3 DGL A 2 3.70 5.84 0.18
HG2 DGL A 2 1.97 7.27 -0.28
HG3 DGL A 2 1.56 6.01 -1.45
N 2TL A 3 2.61 1.99 0.71
CA 2TL A 3 1.85 0.94 1.35
CB 2TL A 3 2.75 0.20 2.36
OG1 2TL A 3 1.97 -0.73 3.09
CG2 2TL A 3 3.38 1.21 3.32
C 2TL A 3 1.36 -0.05 0.29
O 2TL A 3 0.27 -0.58 0.40
H 2TL A 3 3.59 1.99 0.74
HA 2TL A 3 1.01 1.37 1.87
HB 2TL A 3 3.53 -0.32 1.83
HG21 2TL A 3 4.46 1.23 3.17
HG22 2TL A 3 3.17 0.91 4.34
HG23 2TL A 3 2.98 2.19 3.14
N 28J A 4 2.14 -0.28 -0.72
CA 28J A 4 1.72 -1.21 -1.76
CB 28J A 4 2.91 -1.58 -2.65
CG2 28J A 4 3.97 -2.30 -1.79
CG1 28J A 4 2.46 -2.53 -3.77
CD1 28J A 4 3.44 -2.43 -4.94
C 28J A 4 0.61 -0.55 -2.61
O 28J A 4 -0.42 -1.13 -2.85
H 28J A 4 3.01 0.16 -0.79
HA 28J A 4 1.31 -2.11 -1.30
H22 28J A 4 3.34 -0.68 -3.07
H23 28J A 4 3.49 -2.72 -0.91
H24 28J A 4 4.74 -1.60 -1.50
H25 28J A 4 4.42 -3.10 -2.37
H26 28J A 4 2.43 -3.54 -3.40
H27 28J A 4 1.47 -2.25 -4.10
H28 28J A 4 3.22 -3.22 -5.66
H29 28J A 4 4.44 -2.54 -4.58
H30 28J A 4 3.33 -1.47 -5.43
N DLE A 5 0.85 0.66 -3.06
CA DLE A 5 -0.17 1.34 -3.87
CB DLE A 5 0.34 2.70 -4.39
CG DLE A 5 1.59 2.49 -5.27
CD1 DLE A 5 2.73 3.39 -4.77
CD2 DLE A 5 1.26 2.86 -6.72
C DLE A 5 -1.44 1.58 -3.04
O DLE A 5 -2.50 1.83 -3.58
H DLE A 5 1.70 1.10 -2.85
HA DLE A 5 -0.42 0.71 -4.71
HB2 DLE A 5 -0.44 3.15 -4.99
HB3 DLE A 5 0.57 3.35 -3.57
HG DLE A 5 1.91 1.46 -5.23
HD11 DLE A 5 2.49 3.74 -3.76
HD12 DLE A 5 2.83 4.25 -5.42
HD13 DLE A 5 3.65 2.83 -4.75
HD21 DLE A 5 0.27 2.52 -6.96
HD22 DLE A 5 1.98 2.39 -7.38
HD23 DLE A 5 1.31 3.94 -6.84
N DSN A 6 -1.34 1.49 -1.73
CA DSN A 6 -2.51 1.71 -0.90
C DSN A 6 -3.54 0.60 -1.17
O DSN A 6 -4.72 0.78 -0.94
CB DSN A 6 -2.11 1.69 0.58
OG DSN A 6 -3.28 1.77 1.38
H DSN A 6 -0.48 1.28 -1.31
HA DSN A 6 -2.95 2.67 -1.14
HB2 DSN A 6 -1.59 0.77 0.79
HB3 DSN A 6 -1.47 2.53 0.79
HG DSN A 6 -3.74 2.58 1.16
N LEU A 7 -3.11 -0.53 -1.64
CA LEU A 7 -4.04 -1.62 -1.92
C LEU A 7 -3.60 -2.87 -1.16
N LEU A 8 -2.93 -2.71 -0.05
CA LEU A 8 -2.50 -3.88 0.71
C LEU A 8 -2.67 -3.63 2.21
N DSN A 9 -3.32 -2.55 2.59
CA DSN A 9 -3.52 -2.28 4.01
C DSN A 9 -2.18 -2.06 4.70
O DSN A 9 -2.04 -2.29 5.89
CB DSN A 9 -4.40 -1.03 4.19
OG DSN A 9 -4.56 -0.78 5.57
H DSN A 9 -3.67 -1.94 1.91
HA DSN A 9 -4.02 -3.13 4.46
HB2 DSN A 9 -3.93 -0.18 3.73
HB3 DSN A 9 -5.37 -1.20 3.74
HG DSN A 9 -5.43 -1.10 5.84
N VAL A 10 -1.17 -1.62 3.99
CA VAL A 10 0.12 -1.39 4.62
C VAL A 10 0.89 -0.30 3.86
C1 FTT B . 6.14 1.70 0.80
C2 FTT B . 6.78 1.88 2.18
C3 FTT B . 6.96 0.53 2.85
C4 FTT B . 8.29 -0.09 2.42
C5 FTT B . 8.48 -1.44 3.11
C6 FTT B . 9.36 -1.26 4.35
C7 FTT B . 10.79 -1.73 4.03
C8 FTT B . 11.54 -0.62 3.30
C9 FTT B . 13.05 -0.90 3.36
C10 FTT B . 13.81 0.42 3.47
C11 FTT B . 15.31 0.15 3.40
C12 FTT B . 15.81 0.42 1.98
C13 FTT B . 16.40 1.86 1.91
C14 FTT B . 16.39 2.24 0.44
O2 FTT B . 5.22 0.91 0.64
O3 FTT B . 6.95 0.69 4.26
H21 FTT B . 6.14 2.51 2.79
H22 FTT B . 7.75 2.36 2.07
H3 FTT B . 6.15 -0.13 2.56
H41 FTT B . 9.10 0.57 2.69
H42 FTT B . 8.29 -0.23 1.35
H51 FTT B . 8.96 -2.13 2.43
H52 FTT B . 7.53 -1.83 3.40
H61 FTT B . 8.96 -1.85 5.16
H62 FTT B . 9.38 -0.22 4.63
H71 FTT B . 10.75 -2.61 3.41
H72 FTT B . 11.30 -1.97 4.96
H81 FTT B . 11.34 0.33 3.77
H82 FTT B . 11.22 -0.59 2.27
H91 FTT B . 13.35 -1.42 2.46
H92 FTT B . 13.27 -1.52 4.22
H101 FTT B . 13.57 0.89 4.41
H102 FTT B . 13.52 1.07 2.66
H111 FTT B . 15.51 -0.88 3.66
H112 FTT B . 15.83 0.80 4.10
H121 FTT B . 15.00 0.33 1.29
H122 FTT B . 16.59 -0.29 1.73
H131 FTT B . 17.41 1.87 2.29
H132 FTT B . 15.77 2.54 2.47
H141 FTT B . 16.53 1.31 -0.11
H142 FTT B . 17.21 2.86 0.15
H143 FTT B . 15.45 2.69 0.17
HO3 FTT B . 6.09 0.44 4.59
N LEU A 1 6.49 2.24 0.20
CA LEU A 1 6.13 2.13 -1.20
C LEU A 1 4.70 2.63 -1.41
N DGL A 2 4.29 3.64 -0.68
CA DGL A 2 2.96 4.17 -0.83
C DGL A 2 1.94 3.25 -0.13
O DGL A 2 0.74 3.42 -0.28
CB DGL A 2 2.88 5.58 -0.21
CG DGL A 2 2.25 6.54 -1.21
CD DGL A 2 0.75 6.63 -0.96
OE1 DGL A 2 0.00 6.71 -1.92
OE2 DGL A 2 0.36 6.61 0.20
H DGL A 2 4.90 4.04 -0.02
HA DGL A 2 2.71 4.24 -1.88
HB2 DGL A 2 2.30 5.54 0.69
HB3 DGL A 2 3.89 5.90 0.03
HG2 DGL A 2 2.70 7.52 -1.09
HG3 DGL A 2 2.43 6.19 -2.21
N 2TL A 3 2.41 2.30 0.64
CA 2TL A 3 1.49 1.41 1.32
CB 2TL A 3 2.17 0.82 2.56
OG1 2TL A 3 1.34 -0.20 3.11
CG2 2TL A 3 2.41 1.92 3.60
C 2TL A 3 1.07 0.27 0.38
O 2TL A 3 -0.01 -0.27 0.49
H 2TL A 3 3.37 2.18 0.75
HA 2TL A 3 0.61 1.95 1.63
HB 2TL A 3 3.12 0.38 2.28
HG21 2TL A 3 3.20 1.62 4.26
HG22 2TL A 3 1.51 2.08 4.16
HG23 2TL A 3 2.69 2.84 3.09
N 28J A 4 1.93 -0.10 -0.54
CA 28J A 4 1.58 -1.16 -1.46
CB 28J A 4 2.86 -1.65 -2.18
CG2 28J A 4 3.83 -2.23 -1.15
CG1 28J A 4 2.50 -2.75 -3.19
CD1 28J A 4 3.56 -2.80 -4.29
C 28J A 4 0.57 -0.65 -2.48
O 28J A 4 -0.46 -1.27 -2.72
H 28J A 4 2.79 0.36 -0.61
HA 28J A 4 1.16 -1.99 -0.90
H22 28J A 4 3.32 -0.81 -2.69
H23 28J A 4 4.57 -1.48 -0.87
H24 28J A 4 4.34 -3.09 -1.57
H25 28J A 4 3.29 -2.53 -0.27
H26 28J A 4 2.45 -3.70 -2.69
H27 28J A 4 1.53 -2.53 -3.63
H28 28J A 4 4.54 -2.62 -3.85
H29 28J A 4 3.36 -2.04 -5.02
H30 28J A 4 3.55 -3.77 -4.76
N DLE A 5 0.82 0.47 -3.10
CA DLE A 5 -0.12 1.00 -4.08
CB DLE A 5 0.45 2.24 -4.81
CG DLE A 5 1.75 1.88 -5.53
CD1 DLE A 5 2.86 2.86 -5.11
CD2 DLE A 5 1.54 1.98 -7.04
C DLE A 5 -1.44 1.38 -3.40
O DLE A 5 -2.44 1.60 -4.06
H DLE A 5 1.66 0.95 -2.89
HA DLE A 5 -0.32 0.23 -4.82
HB2 DLE A 5 -0.28 2.57 -5.53
HB3 DLE A 5 0.62 3.03 -4.10
HG DLE A 5 2.05 0.87 -5.28
HD11 DLE A 5 3.01 3.58 -5.90
HD12 DLE A 5 3.78 2.32 -4.93
HD13 DLE A 5 2.57 3.37 -4.21
HD21 DLE A 5 0.54 1.66 -7.29
HD22 DLE A 5 2.25 1.34 -7.55
HD23 DLE A 5 1.68 3.00 -7.36
N DSN A 6 -1.46 1.48 -2.09
CA DSN A 6 -2.69 1.84 -1.42
C DSN A 6 -3.74 0.75 -1.61
O DSN A 6 -4.93 1.01 -1.60
CB DSN A 6 -2.41 2.04 0.09
OG DSN A 6 -3.63 1.96 0.82
H DSN A 6 -0.66 1.30 -1.58
HA DSN A 6 -3.06 2.77 -1.83
HB2 DSN A 6 -1.73 1.27 0.44
HB3 DSN A 6 -1.97 3.01 0.25
HG DSN A 6 -4.06 2.81 0.78
N LEU A 7 -3.32 -0.49 -1.80
CA LEU A 7 -4.28 -1.56 -2.00
C LEU A 7 -3.85 -2.81 -1.22
N LEU A 8 -3.22 -2.65 -0.08
CA LEU A 8 -2.80 -3.82 0.69
C LEU A 8 -2.92 -3.54 2.19
N DSN A 9 -2.80 -2.30 2.59
CA DSN A 9 -2.91 -1.99 4.01
C DSN A 9 -1.57 -2.23 4.70
O DSN A 9 -1.52 -2.79 5.78
CB DSN A 9 -3.31 -0.51 4.16
OG DSN A 9 -2.31 0.30 3.57
H DSN A 9 -2.64 -1.59 1.94
HA DSN A 9 -3.68 -2.60 4.46
HB2 DSN A 9 -4.26 -0.34 3.67
HB3 DSN A 9 -3.40 -0.27 5.21
HG DSN A 9 -2.37 1.18 3.97
N VAL A 10 -0.50 -1.80 4.11
CA VAL A 10 0.82 -2.00 4.72
C VAL A 10 1.78 -0.93 4.19
C1 FTT B . 5.79 1.60 1.12
C2 FTT B . 6.23 1.76 2.58
C3 FTT B . 6.14 0.41 3.30
C4 FTT B . 7.51 -0.25 3.33
C5 FTT B . 7.63 -1.22 2.14
C6 FTT B . 8.16 -2.57 2.63
C7 FTT B . 7.00 -3.55 2.79
C8 FTT B . 6.43 -3.45 4.21
C9 FTT B . 7.25 -4.34 5.14
C10 FTT B . 7.45 -3.63 6.49
C11 FTT B . 8.77 -4.10 7.12
C12 FTT B . 9.47 -2.89 7.76
C13 FTT B . 11.00 -3.14 7.78
C14 FTT B . 11.49 -2.87 6.38
O2 FTT B . 4.84 0.90 0.83
O3 FTT B . 5.67 0.62 4.63
H21 FTT B . 5.60 2.48 3.07
H22 FTT B . 7.26 2.10 2.61
H3 FTT B . 5.44 -0.23 2.77
H41 FTT B . 7.61 -0.82 4.25
H42 FTT B . 8.28 0.49 3.27
H51 FTT B . 8.33 -0.80 1.42
H52 FTT B . 6.68 -1.36 1.68
H61 FTT B . 8.66 -2.44 3.59
H62 FTT B . 8.87 -2.97 1.91
H71 FTT B . 7.35 -4.56 2.61
H72 FTT B . 6.23 -3.30 2.08
H81 FTT B . 5.41 -3.78 4.20
H82 FTT B . 6.49 -2.42 4.55
H91 FTT B . 8.21 -4.55 4.71
H92 FTT B . 6.72 -5.28 5.31
H101 FTT B . 6.63 -3.87 7.15
H102 FTT B . 7.49 -2.56 6.33
H111 FTT B . 9.40 -4.52 6.37
H112 FTT B . 8.55 -4.83 7.88
H121 FTT B . 9.12 -2.76 8.77
H122 FTT B . 9.26 -2.00 7.18
H131 FTT B . 11.20 -4.17 8.05
H132 FTT B . 11.47 -2.48 8.48
H141 FTT B . 10.66 -3.12 5.71
H142 FTT B . 12.31 -3.50 6.07
H143 FTT B . 11.74 -1.83 6.26
HO3 FTT B . 6.33 1.13 5.09
N LEU A 1 6.48 2.31 -0.20
CA LEU A 1 5.90 2.13 -1.52
C LEU A 1 4.47 2.68 -1.54
N DGL A 2 4.19 3.69 -0.76
CA DGL A 2 2.86 4.26 -0.74
C DGL A 2 1.92 3.35 0.07
O DGL A 2 0.71 3.50 0.03
CB DGL A 2 2.91 5.64 -0.08
CG DGL A 2 2.07 6.62 -0.90
CD DGL A 2 0.59 6.49 -0.50
OE1 DGL A 2 -0.07 5.62 -1.04
OE2 DGL A 2 0.16 7.27 0.33
H DGL A 2 4.90 4.08 -0.20
HA DGL A 2 2.49 4.36 -1.74
HB2 DGL A 2 2.51 5.57 0.92
HB3 DGL A 2 3.93 5.98 -0.04
HG2 DGL A 2 2.41 7.63 -0.71
HG3 DGL A 2 2.18 6.40 -1.95
N 2TL A 3 2.45 2.38 0.79
CA 2TL A 3 1.62 1.49 1.56
CB 2TL A 3 2.39 0.99 2.78
OG1 2TL A 3 1.54 0.19 3.58
CG2 2TL A 3 2.89 2.19 3.59
C 2TL A 3 1.19 0.31 0.69
O 2TL A 3 0.10 -0.21 0.83
H 2TL A 3 3.43 2.27 0.80
HA 2TL A 3 0.74 2.03 1.89
HB 2TL A 3 3.23 0.41 2.46
HG21 2TL A 3 3.89 1.97 3.96
HG22 2TL A 3 2.23 2.36 4.43
HG23 2TL A 3 2.93 3.07 2.97
N 28J A 4 2.05 -0.13 -0.19
CA 28J A 4 1.69 -1.26 -1.04
CB 28J A 4 2.97 -1.81 -1.71
CG2 28J A 4 3.94 -2.32 -0.62
CG1 28J A 4 2.59 -3.00 -2.61
CD1 28J A 4 3.68 -3.18 -3.67
C 28J A 4 0.70 -0.80 -2.11
O 28J A 4 -0.33 -1.41 -2.32
H 28J A 4 2.92 0.30 -0.29
HA 28J A 4 1.24 -2.02 -0.44
H22 28J A 4 3.44 -1.04 -2.29
H23 28J A 4 3.38 -2.51 0.29
H24 28J A 4 4.68 -1.56 -0.43
H25 28J A 4 4.41 -3.22 -0.95
H26 28J A 4 2.51 -3.90 -2.02
H27 28J A 4 1.65 -2.80 -3.11
H28 28J A 4 4.66 -3.06 -3.22
H29 28J A 4 3.55 -2.46 -4.46
H30 28J A 4 3.62 -4.18 -4.10
N DLE A 5 1.00 0.28 -2.80
CA DLE A 5 0.08 0.75 -3.84
CB DLE A 5 0.68 1.93 -4.63
CG DLE A 5 1.99 1.50 -5.31
CD1 DLE A 5 3.12 2.47 -4.93
CD2 DLE A 5 1.81 1.51 -6.84
C DLE A 5 -1.24 1.21 -3.20
O DLE A 5 -2.23 1.38 -3.88
H DLE A 5 1.84 0.75 -2.63
HA DLE A 5 -0.13 -0.06 -4.53
HB2 DLE A 5 -0.03 2.22 -5.39
HB3 DLE A 5 0.86 2.76 -3.98
HG DLE A 5 2.26 0.51 -4.99
HD11 DLE A 5 2.75 3.17 -4.18
HD12 DLE A 5 3.43 3.01 -5.81
HD13 DLE A 5 3.95 1.92 -4.52
HD21 DLE A 5 1.26 0.63 -7.14
HD22 DLE A 5 2.77 1.51 -7.32
HD23 DLE A 5 1.26 2.39 -7.12
N DSN A 6 -1.28 1.39 -1.91
CA DSN A 6 -2.51 1.83 -1.26
C DSN A 6 -3.60 0.77 -1.46
O DSN A 6 -4.78 1.07 -1.37
CB DSN A 6 -2.26 2.03 0.24
OG DSN A 6 -1.74 3.33 0.45
H DSN A 6 -0.47 1.24 -1.36
HA DSN A 6 -2.83 2.76 -1.70
HB2 DSN A 6 -3.18 1.92 0.77
HB3 DSN A 6 -1.55 1.29 0.59
HG DSN A 6 -2.32 3.96 0.03
N LEU A 7 -3.23 -0.45 -1.76
CA LEU A 7 -4.24 -1.48 -1.98
C LEU A 7 -3.85 -2.75 -1.21
N LEU A 8 -3.17 -2.63 -0.10
CA LEU A 8 -2.79 -3.82 0.65
C LEU A 8 -2.83 -3.53 2.16
N DSN A 9 -3.18 -2.33 2.55
CA DSN A 9 -3.24 -2.02 3.97
C DSN A 9 -1.84 -2.08 4.58
O DSN A 9 -1.68 -2.29 5.76
CB DSN A 9 -3.80 -0.61 4.15
OG DSN A 9 -3.20 0.27 3.21
H DSN A 9 -3.41 -1.66 1.89
HA DSN A 9 -3.89 -2.72 4.47
HB2 DSN A 9 -4.88 -0.62 3.99
HB3 DSN A 9 -3.59 -0.26 5.15
HG DSN A 9 -2.51 0.76 3.66
N VAL A 10 -0.81 -1.91 3.78
CA VAL A 10 0.54 -1.96 4.31
C VAL A 10 1.48 -1.18 3.38
C1 FTT B . 5.92 1.76 0.85
C2 FTT B . 6.59 1.98 2.20
C3 FTT B . 7.42 0.75 2.57
C4 FTT B . 8.57 0.59 1.58
C5 FTT B . 8.61 -0.86 1.08
C6 FTT B . 9.69 -1.64 1.85
C7 FTT B . 9.04 -2.43 2.98
C8 FTT B . 10.04 -2.60 4.13
C9 FTT B . 9.87 -3.99 4.76
C10 FTT B . 10.80 -4.13 5.96
C11 FTT B . 11.32 -5.55 6.04
C12 FTT B . 12.60 -5.69 5.20
C13 FTT B . 13.58 -6.65 5.91
C14 FTT B . 14.81 -6.73 5.01
O2 FTT B . 4.91 1.08 0.75
O3 FTT B . 7.95 0.91 3.89
H21 FTT B . 5.83 2.15 2.95
H22 FTT B . 7.23 2.84 2.15
H3 FTT B . 6.79 -0.12 2.55
H41 FTT B . 9.50 0.83 2.07
H42 FTT B . 8.42 1.25 0.74
H51 FTT B . 8.86 -0.88 0.03
H52 FTT B . 7.65 -1.33 1.24
H61 FTT B . 10.41 -0.95 2.26
H62 FTT B . 10.19 -2.32 1.17
H71 FTT B . 8.74 -3.40 2.62
H72 FTT B . 8.17 -1.90 3.34
H81 FTT B . 9.86 -1.84 4.88
H82 FTT B . 11.05 -2.50 3.75
H91 FTT B . 10.12 -4.75 4.03
H92 FTT B . 8.85 -4.11 5.08
H101 FTT B . 10.25 -3.89 6.87
H102 FTT B . 11.63 -3.44 5.85
H111 FTT B . 10.58 -6.23 5.66
H112 FTT B . 11.55 -5.80 7.08
H121 FTT B . 13.07 -4.72 5.11
H122 FTT B . 12.35 -6.06 4.22
H131 FTT B . 13.13 -7.63 6.01
H132 FTT B . 13.85 -6.27 6.87
H141 FTT B . 14.44 -6.58 3.99
H142 FTT B . 15.28 -7.70 5.00
H143 FTT B . 15.50 -5.96 5.25
HO3 FTT B . 8.41 0.11 4.13
N LEU A 1 6.45 2.32 -0.08
CA LEU A 1 5.96 2.25 -1.44
C LEU A 1 4.51 2.74 -1.51
N DGL A 2 4.20 3.77 -0.78
CA DGL A 2 2.83 4.30 -0.79
C DGL A 2 1.92 3.38 0.04
O DGL A 2 0.72 3.56 0.06
CB DGL A 2 2.82 5.70 -0.19
CG DGL A 2 2.97 6.73 -1.32
CD DGL A 2 2.37 8.06 -0.88
OE1 DGL A 2 1.66 8.66 -1.67
OE2 DGL A 2 2.61 8.46 0.25
H DGL A 2 4.88 4.21 -0.23
HA DGL A 2 2.48 4.33 -1.80
HB2 DGL A 2 1.89 5.86 0.31
HB3 DGL A 2 3.64 5.81 0.50
HG2 DGL A 2 4.03 6.87 -1.54
HG3 DGL A 2 2.47 6.38 -2.21
N 2TL A 3 2.47 2.41 0.72
CA 2TL A 3 1.65 1.53 1.53
CB 2TL A 3 2.46 1.04 2.73
OG1 2TL A 3 1.62 0.23 3.56
CG2 2TL A 3 2.95 2.24 3.54
C 2TL A 3 1.22 0.32 0.68
O 2TL A 3 0.13 -0.20 0.83
H 2TL A 3 3.45 2.28 0.69
HA 2TL A 3 0.78 2.06 1.87
HB 2TL A 3 3.29 0.46 2.40
HG21 2TL A 3 2.25 2.45 4.33
HG22 2TL A 3 3.02 3.10 2.88
HG23 2TL A 3 3.92 2.02 3.95
N 28J A 4 2.06 -0.12 -0.21
CA 28J A 4 1.71 -1.26 -1.05
CB 28J A 4 2.98 -1.82 -1.72
CG2 28J A 4 3.95 -2.31 -0.64
CG1 28J A 4 2.60 -2.99 -2.64
CD1 28J A 4 3.67 -3.17 -3.72
C 28J A 4 0.70 -0.81 -2.11
O 28J A 4 -0.34 -1.43 -2.29
H 28J A 4 2.94 0.32 -0.33
HA 28J A 4 1.26 -2.02 -0.43
H22 28J A 4 3.45 -1.04 -2.31
H23 28J A 4 4.43 -3.22 -0.98
H24 28J A 4 3.40 -2.52 0.27
H25 28J A 4 4.70 -1.57 -0.45
H26 28J A 4 2.54 -3.90 -2.04
H27 28J A 4 1.64 -2.81 -3.10
H28 28J A 4 3.66 -2.30 -4.37
H29 28J A 4 3.46 -4.05 -4.29
H30 28J A 4 4.64 -3.25 -3.25
N DLE A 5 0.98 0.25 -2.81
CA DLE A 5 0.05 0.71 -3.84
CB DLE A 5 0.64 1.88 -4.66
CG DLE A 5 1.93 1.44 -5.36
CD1 DLE A 5 3.07 2.42 -5.01
CD2 DLE A 5 1.72 1.44 -6.88
C DLE A 5 -1.26 1.17 -3.19
O DLE A 5 -2.27 1.34 -3.87
H DLE A 5 1.82 0.72 -2.65
HA DLE A 5 -0.16 -0.12 -4.51
HB2 DLE A 5 -0.09 2.17 -5.41
HB3 DLE A 5 0.82 2.73 -4.01
HG DLE A 5 2.21 0.45 -5.03
HD11 DLE A 5 2.68 3.22 -4.39
HD12 DLE A 5 3.48 2.84 -5.92
HD13 DLE A 5 3.84 1.90 -4.47
HD21 DLE A 5 0.79 0.93 -7.10
HD22 DLE A 5 2.53 0.91 -7.35
HD23 DLE A 5 1.68 2.45 -7.24
N DSN A 6 -1.27 1.37 -1.89
CA DSN A 6 -2.50 1.81 -1.24
C DSN A 6 -3.61 0.77 -1.44
O DSN A 6 -4.77 1.07 -1.32
CB DSN A 6 -2.23 2.01 0.25
OG DSN A 6 -1.72 3.31 0.48
H DSN A 6 -0.47 1.24 -1.37
HA DSN A 6 -2.82 2.75 -1.67
HB2 DSN A 6 -3.16 1.89 0.80
HB3 DSN A 6 -1.52 1.27 0.60
HG DSN A 6 -2.40 3.94 0.26
N LEU A 7 -3.24 -0.46 -1.74
CA LEU A 7 -4.25 -1.48 -1.95
C LEU A 7 -3.88 -2.76 -1.18
N LEU A 8 -3.17 -2.64 -0.09
CA LEU A 8 -2.81 -3.83 0.66
C LEU A 8 -2.82 -3.54 2.17
N DSN A 9 -3.18 -2.34 2.57
CA DSN A 9 -3.21 -2.02 3.98
C DSN A 9 -1.79 -2.07 4.56
O DSN A 9 -1.60 -2.26 5.74
CB DSN A 9 -3.79 -0.62 4.16
OG DSN A 9 -3.02 0.32 3.43
H DSN A 9 -3.43 -1.67 1.91
HA DSN A 9 -3.84 -2.73 4.50
HB2 DSN A 9 -4.81 -0.60 3.81
HB3 DSN A 9 -3.76 -0.35 5.21
HG DSN A 9 -3.49 0.52 2.61
N VAL A 10 -0.79 -1.88 3.73
CA VAL A 10 0.58 -1.91 4.23
C VAL A 10 1.48 -1.11 3.29
C1 FTT B . 5.88 1.62 0.86
C2 FTT B . 6.45 1.75 2.28
C3 FTT B . 6.45 0.38 2.96
C4 FTT B . 7.88 -0.16 3.01
C5 FTT B . 8.13 -1.05 1.78
C6 FTT B . 9.45 -1.80 1.96
C7 FTT B . 10.59 -1.01 1.31
C8 FTT B . 11.69 -1.98 0.85
C9 FTT B . 12.32 -1.45 -0.43
C10 FTT B . 11.53 -1.97 -1.64
C11 FTT B . 11.96 -1.20 -2.90
C12 FTT B . 11.14 -1.68 -4.09
C13 FTT B . 10.89 -0.51 -5.05
C14 FTT B . 12.14 -0.38 -5.90
O2 FTT B . 4.93 0.89 0.63
O3 FTT B . 5.95 0.50 4.28
H21 FTT B . 5.84 2.43 2.86
H22 FTT B . 7.46 2.13 2.23
H3 FTT B . 5.84 -0.30 2.40
H41 FTT B . 8.02 -0.75 3.90
H42 FTT B . 8.58 0.66 3.01
H51 FTT B . 8.19 -0.43 0.90
H52 FTT B . 7.33 -1.75 1.67
H61 FTT B . 9.38 -2.78 1.49
H62 FTT B . 9.66 -1.94 3.02
H71 FTT B . 10.99 -0.32 2.03
H72 FTT B . 10.21 -0.47 0.46
H81 FTT B . 11.26 -2.95 0.68
H82 FTT B . 12.44 -2.05 1.63
H91 FTT B . 13.34 -1.80 -0.50
H92 FTT B . 12.31 -0.37 -0.43
H101 FTT B . 10.48 -1.81 -1.47
H102 FTT B . 11.72 -3.02 -1.77
H111 FTT B . 13.01 -1.38 -3.09
H112 FTT B . 11.80 -0.14 -2.74
H121 FTT B . 10.19 -2.07 -3.74
H122 FTT B . 11.67 -2.47 -4.60
H131 FTT B . 10.73 0.41 -4.50
H132 FTT B . 10.03 -0.70 -5.68
H141 FTT B . 12.97 -0.72 -5.27
H142 FTT B . 12.39 0.62 -6.18
H143 FTT B . 12.07 -1.01 -6.78
HO3 FTT B . 6.58 1.01 4.79
N LEU A 1 6.62 2.25 -0.36
CA LEU A 1 5.99 2.14 -1.66
C LEU A 1 4.53 2.62 -1.57
N DGL A 2 4.27 3.67 -0.84
CA DGL A 2 2.92 4.17 -0.72
C DGL A 2 2.05 3.14 0.01
O DGL A 2 0.84 3.13 -0.14
CB DGL A 2 2.94 5.48 0.07
CG DGL A 2 2.21 6.56 -0.74
CD DGL A 2 0.72 6.54 -0.40
OE1 DGL A 2 -0.08 6.72 -1.31
OE2 DGL A 2 0.39 6.33 0.75
H DGL A 2 5.01 4.11 -0.36
HA DGL A 2 2.52 4.34 -1.70
HB2 DGL A 2 2.43 5.34 1.01
HB3 DGL A 2 3.95 5.79 0.24
HG2 DGL A 2 2.61 7.53 -0.48
HG3 DGL A 2 2.34 6.38 -1.79
N 2TL A 3 2.64 2.28 0.80
CA 2TL A 3 1.86 1.29 1.52
CB 2TL A 3 2.73 0.64 2.60
OG1 2TL A 3 2.03 -0.44 3.20
CG2 2TL A 3 3.10 1.68 3.67
C 2TL A 3 1.37 0.22 0.54
O 2TL A 3 0.27 -0.28 0.67
H 2TL A 3 3.62 2.31 0.91
HA 2TL A 3 1.01 1.77 1.98
HB 2TL A 3 3.64 0.28 2.15
HG21 2TL A 3 3.24 2.64 3.21
HG22 2TL A 3 4.00 1.39 4.17
HG23 2TL A 3 2.28 1.75 4.39
N 28J A 4 2.18 -0.14 -0.42
CA 28J A 4 1.77 -1.15 -1.38
CB 28J A 4 2.98 -1.60 -2.20
CG2 28J A 4 4.03 -2.22 -1.28
CG1 28J A 4 2.54 -2.65 -3.23
CD1 28J A 4 3.54 -2.68 -4.39
C 28J A 4 0.69 -0.56 -2.29
O 28J A 4 -0.33 -1.17 -2.52
H 28J A 4 3.07 0.29 -0.50
HA 28J A 4 1.36 -2.00 -0.84
H22 28J A 4 3.40 -0.74 -2.72
H23 28J A 4 4.81 -1.49 -1.07
H24 28J A 4 4.46 -3.09 -1.76
H25 28J A 4 3.57 -2.52 -0.35
H26 28J A 4 2.51 -3.62 -2.76
H27 28J A 4 1.56 -2.40 -3.62
H28 28J A 4 3.02 -2.92 -5.31
H29 28J A 4 4.29 -3.43 -4.19
H30 28J A 4 4.01 -1.72 -4.48
N DLE A 5 0.92 0.62 -2.82
CA DLE A 5 -0.07 1.23 -3.71
CB DLE A 5 0.42 2.57 -4.27
CG DLE A 5 1.71 2.38 -5.09
CD1 DLE A 5 2.80 3.32 -4.59
CD2 DLE A 5 1.42 2.68 -6.57
C DLE A 5 -1.38 1.46 -2.94
O DLE A 5 -2.43 1.64 -3.54
H DLE A 5 1.77 1.07 -2.62
HA DLE A 5 -0.26 0.55 -4.53
HB2 DLE A 5 -0.34 2.98 -4.91
HB3 DLE A 5 0.61 3.27 -3.46
HG DLE A 5 2.05 1.35 -5.01
HD11 DLE A 5 2.91 4.14 -5.29
HD12 DLE A 5 3.73 2.79 -4.51
HD13 DLE A 5 2.53 3.70 -3.62
HD21 DLE A 5 0.39 2.43 -6.79
HD22 DLE A 5 2.08 2.09 -7.19
HD23 DLE A 5 1.59 3.73 -6.76
N DSN A 6 -1.34 1.45 -1.63
CA DSN A 6 -2.55 1.66 -0.86
C DSN A 6 -3.58 0.58 -1.19
O DSN A 6 -4.77 0.76 -1.01
CB DSN A 6 -2.22 1.63 0.64
OG DSN A 6 -1.39 2.72 0.96
H DSN A 6 -0.49 1.30 -1.16
HA DSN A 6 -2.96 2.63 -1.10
HB2 DSN A 6 -3.14 1.69 1.21
HB3 DSN A 6 -1.72 0.70 0.87
HG DSN A 6 -1.91 3.52 0.93
N LEU A 7 -3.13 -0.55 -1.68
CA LEU A 7 -4.06 -1.62 -2.02
C LEU A 7 -3.67 -2.90 -1.27
N LEU A 8 -3.03 -2.79 -0.14
CA LEU A 8 -2.65 -3.97 0.61
C LEU A 8 -2.72 -3.70 2.12
N DSN A 9 -3.40 -2.66 2.51
CA DSN A 9 -3.52 -2.34 3.93
C DSN A 9 -2.12 -2.22 4.56
O DSN A 9 -1.89 -2.71 5.66
CB DSN A 9 -4.26 -1.02 4.10
OG DSN A 9 -3.96 -0.16 3.01
H DSN A 9 -3.85 -2.08 1.85
HA DSN A 9 -4.07 -3.13 4.42
HB2 DSN A 9 -5.33 -1.21 4.12
HB3 DSN A 9 -3.96 -0.55 5.03
HG DSN A 9 -4.66 -0.24 2.36
N VAL A 10 -1.20 -1.59 3.88
CA VAL A 10 0.14 -1.45 4.43
C VAL A 10 0.82 -0.23 3.82
C1 FTT B . 6.13 1.62 0.67
C2 FTT B . 6.85 1.77 2.02
C3 FTT B . 6.91 0.41 2.73
C4 FTT B . 8.16 -0.34 2.29
C5 FTT B . 9.41 0.33 2.86
C6 FTT B . 10.22 0.95 1.71
C7 FTT B . 11.22 1.95 2.29
C8 FTT B . 10.59 3.35 2.30
C9 FTT B . 11.63 4.37 2.75
C10 FTT B . 10.93 5.66 3.19
C11 FTT B . 10.29 5.45 4.56
C12 FTT B . 10.86 6.48 5.55
C13 FTT B . 9.93 7.71 5.62
C14 FTT B . 8.81 7.35 6.57
O2 FTT B . 5.13 0.93 0.58
O3 FTT B . 6.95 0.62 4.14
H21 FTT B . 6.33 2.47 2.64
H22 FTT B . 7.86 2.12 1.84
H3 FTT B . 6.03 -0.16 2.47
H41 FTT B . 8.22 -0.36 1.21
H42 FTT B . 8.11 -1.37 2.64
H51 FTT B . 10.01 -0.40 3.37
H52 FTT B . 9.12 1.10 3.54
H61 FTT B . 9.56 1.45 1.03
H62 FTT B . 10.75 0.16 1.19
H71 FTT B . 12.11 1.97 1.68
H72 FTT B . 11.49 1.67 3.29
H81 FTT B . 9.76 3.36 2.99
H82 FTT B . 10.25 3.59 1.31
H91 FTT B . 12.30 4.60 1.93
H92 FTT B . 12.20 3.97 3.58
H101 FTT B . 10.16 5.91 2.47
H102 FTT B . 11.65 6.47 3.24
H111 FTT B . 10.51 4.46 4.92
H112 FTT B . 9.22 5.58 4.49
H121 FTT B . 11.84 6.79 5.22
H122 FTT B . 10.94 6.03 6.54
H131 FTT B . 9.53 7.92 4.63
H132 FTT B . 10.47 8.57 5.98
H141 FTT B . 8.67 6.26 6.46
H142 FTT B . 7.86 7.77 6.30
H143 FTT B . 9.07 7.58 7.58
HO3 FTT B . 6.15 0.26 4.51
N LEU A 1 6.42 2.12 0.06
CA LEU A 1 5.99 2.04 -1.32
C LEU A 1 4.57 2.62 -1.45
N DGL A 2 4.26 3.64 -0.70
CA DGL A 2 2.95 4.24 -0.79
C DGL A 2 1.92 3.35 -0.07
O DGL A 2 0.72 3.53 -0.21
CB DGL A 2 2.97 5.62 -0.13
CG DGL A 2 2.39 6.66 -1.10
CD DGL A 2 2.70 8.07 -0.59
OE1 DGL A 2 3.87 8.38 -0.46
OE2 DGL A 2 1.77 8.81 -0.34
H DGL A 2 4.93 4.01 -0.09
HA DGL A 2 2.66 4.34 -1.82
HB2 DGL A 2 2.38 5.61 0.77
HB3 DGL A 2 3.99 5.89 0.11
HG2 DGL A 2 2.83 6.52 -2.08
HG3 DGL A 2 1.32 6.53 -1.17
N 2TL A 3 2.37 2.39 0.71
CA 2TL A 3 1.44 1.53 1.42
CB 2TL A 3 2.11 0.98 2.68
OG1 2TL A 3 1.33 -0.08 3.20
CG2 2TL A 3 2.24 2.10 3.74
C 2TL A 3 1.04 0.36 0.52
O 2TL A 3 -0.04 -0.17 0.63
H 2TL A 3 3.34 2.27 0.82
HA 2TL A 3 0.57 2.10 1.69
HB 2TL A 3 3.11 0.62 2.44
HG21 2TL A 3 2.51 3.02 3.26
HG22 2TL A 3 3.00 1.82 4.45
HG23 2TL A 3 1.29 2.21 4.25
N 28J A 4 1.91 -0.04 -0.38
CA 28J A 4 1.58 -1.15 -1.26
CB 28J A 4 2.86 -1.68 -1.91
CG2 28J A 4 3.81 -2.21 -0.83
CG1 28J A 4 2.51 -2.83 -2.88
CD1 28J A 4 3.61 -2.96 -3.93
C 28J A 4 0.59 -0.68 -2.33
O 28J A 4 -0.42 -1.30 -2.56
H 28J A 4 2.78 0.40 -0.45
HA 28J A 4 1.13 -1.94 -0.68
H22 28J A 4 3.35 -0.89 -2.47
H23 28J A 4 4.55 -1.46 -0.59
H24 28J A 4 4.31 -3.10 -1.19
H25 28J A 4 3.24 -2.45 0.06
H26 28J A 4 2.44 -3.76 -2.31
H27 28J A 4 1.57 -2.63 -3.36
H28 28J A 4 3.52 -2.16 -4.65
H29 28J A 4 3.51 -3.91 -4.44
H30 28J A 4 4.58 -2.90 -3.45
N DLE A 5 0.88 0.41 -2.99
CA DLE A 5 -0.03 0.90 -4.02
CB DLE A 5 0.57 2.10 -4.78
CG DLE A 5 1.89 1.70 -5.45
CD1 DLE A 5 3.00 2.69 -5.04
CD2 DLE A 5 1.73 1.74 -6.97
C DLE A 5 -1.36 1.32 -3.40
O DLE A 5 -2.34 1.52 -4.11
H DLE A 5 1.71 0.90 -2.77
HA DLE A 5 -0.21 0.10 -4.72
HB2 DLE A 5 -0.13 2.41 -5.55
HB3 DLE A 5 0.73 2.93 -4.10
HG DLE A 5 2.17 0.70 -5.15
HD11 DLE A 5 3.90 2.14 -4.82
HD12 DLE A 5 2.68 3.25 -4.16
HD13 DLE A 5 3.18 3.38 -5.85
HD21 DLE A 5 2.34 0.97 -7.42
HD22 DLE A 5 2.03 2.71 -7.34
HD23 DLE A 5 0.70 1.56 -7.22
N DSN A 6 -1.43 1.47 -2.11
CA DSN A 6 -2.69 1.87 -1.48
C DSN A 6 -3.74 0.78 -1.66
O DSN A 6 -4.93 1.06 -1.67
CB DSN A 6 -2.45 2.13 0.02
OG DSN A 6 -2.01 3.45 0.21
H DSN A 6 -0.64 1.32 -1.55
HA DSN A 6 -3.02 2.79 -1.94
HB2 DSN A 6 -3.38 1.97 0.54
HB3 DSN A 6 -1.71 1.43 0.38
HG DSN A 6 -1.24 3.59 -0.34
N LEU A 7 -3.32 -0.45 -1.85
CA LEU A 7 -4.30 -1.52 -2.04
C LEU A 7 -3.87 -2.78 -1.28
N LEU A 8 -3.22 -2.64 -0.15
CA LEU A 8 -2.79 -3.83 0.59
C LEU A 8 -2.95 -3.58 2.09
N DSN A 9 -2.74 -2.37 2.54
CA DSN A 9 -2.86 -2.08 3.95
C DSN A 9 -1.52 -2.30 4.66
O DSN A 9 -1.46 -2.94 5.70
CB DSN A 9 -3.28 -0.62 4.14
OG DSN A 9 -2.41 0.23 3.41
H DSN A 9 -2.49 -1.66 1.91
HA DSN A 9 -3.61 -2.72 4.39
HB2 DSN A 9 -4.30 -0.49 3.76
HB3 DSN A 9 -3.26 -0.36 5.18
HG DSN A 9 -2.83 1.08 3.30
N VAL A 10 -0.45 -1.77 4.13
CA VAL A 10 0.85 -1.95 4.75
C VAL A 10 1.77 -0.81 4.28
C1 FTT B . 5.76 1.51 1.02
C2 FTT B . 6.29 1.64 2.44
C3 FTT B . 6.09 0.32 3.20
C4 FTT B . 7.43 -0.43 3.27
C5 FTT B . 7.17 -1.93 3.21
C6 FTT B . 8.38 -2.69 3.78
C7 FTT B . 9.55 -2.56 2.81
C8 FTT B . 10.23 -3.92 2.65
C9 FTT B . 11.30 -4.10 3.74
C10 FTT B . 12.68 -3.71 3.17
C11 FTT B . 13.31 -4.94 2.52
C12 FTT B . 14.78 -4.64 2.21
C13 FTT B . 15.52 -5.97 1.89
C14 FTT B . 15.19 -6.29 0.44
O2 FTT B . 4.77 0.85 0.77
O3 FTT B . 5.62 0.59 4.51
H21 FTT B . 5.75 2.43 2.95
H22 FTT B . 7.34 1.89 2.42
H3 FTT B . 5.37 -0.28 2.66
H41 FTT B . 7.92 -0.18 4.20
H42 FTT B . 8.06 -0.13 2.45
H51 FTT B . 7.02 -2.23 2.19
H52 FTT B . 6.28 -2.17 3.79
H61 FTT B . 8.12 -3.73 3.91
H62 FTT B . 8.65 -2.26 4.73
H71 FTT B . 10.27 -1.85 3.20
H72 FTT B . 9.20 -2.21 1.85
H81 FTT B . 10.71 -3.98 1.68
H82 FTT B . 9.50 -4.70 2.75
H91 FTT B . 11.32 -5.12 4.06
H92 FTT B . 11.07 -3.45 4.58
H101 FTT B . 13.31 -3.37 3.97
H102 FTT B . 12.56 -2.93 2.44
H111 FTT B . 12.79 -5.16 1.60
H112 FTT B . 13.24 -5.79 3.18
H121 FTT B . 15.24 -4.18 3.07
H122 FTT B . 14.84 -3.98 1.37
H131 FTT B . 15.16 -6.76 2.53
H132 FTT B . 16.58 -5.85 2.02
H141 FTT B . 14.19 -5.87 0.26
H142 FTT B . 15.10 -7.33 0.24
H143 FTT B . 15.90 -5.82 -0.22
HO3 FTT B . 6.21 1.23 4.91
N LEU A 1 5.84 1.28 -0.16
CA LEU A 1 5.72 2.10 -1.35
C LEU A 1 4.33 2.72 -1.41
N DGL A 2 4.10 3.77 -0.66
CA DGL A 2 2.81 4.41 -0.66
C DGL A 2 1.79 3.47 0.02
O DGL A 2 0.59 3.58 -0.21
CB DGL A 2 2.87 5.72 0.11
CG DGL A 2 1.83 6.69 -0.45
CD DGL A 2 1.48 7.73 0.63
OE1 DGL A 2 0.33 8.13 0.68
OE2 DGL A 2 2.36 8.11 1.37
H DGL A 2 4.83 4.13 -0.10
HA DGL A 2 2.49 4.60 -1.68
HB2 DGL A 2 2.67 5.54 1.16
HB3 DGL A 2 3.85 6.16 0.00
HG2 DGL A 2 2.23 7.20 -1.31
HG3 DGL A 2 0.94 6.15 -0.73
N 2TL A 3 2.25 2.56 0.82
CA 2TL A 3 1.34 1.64 1.48
CB 2TL A 3 1.96 1.14 2.78
OG1 2TL A 3 1.18 0.06 3.29
CG2 2TL A 3 2.01 2.27 3.82
C 2TL A 3 1.05 0.44 0.57
O 2TL A 3 0.01 -0.19 0.66
H 2TL A 3 3.21 2.47 0.98
HA 2TL A 3 0.41 2.15 1.70
HB 2TL A 3 2.96 0.79 2.59
HG21 2TL A 3 1.04 2.38 4.29
HG22 2TL A 3 2.26 3.20 3.32
HG23 2TL A 3 2.74 2.04 4.57
N 28J A 4 1.96 0.12 -0.32
CA 28J A 4 1.74 -1.01 -1.21
CB 28J A 4 3.08 -1.44 -1.83
CG2 28J A 4 4.03 -1.91 -0.73
CG1 28J A 4 2.85 -2.59 -2.82
CD1 28J A 4 3.97 -2.60 -3.86
C 28J A 4 0.74 -0.61 -2.30
O 28J A 4 -0.22 -1.31 -2.55
H 28J A 4 2.79 0.64 -0.37
HA 28J A 4 1.34 -1.83 -0.63
H22 28J A 4 3.52 -0.59 -2.35
H23 28J A 4 4.16 -2.98 -0.81
H24 28J A 4 3.62 -1.67 0.24
H25 28J A 4 4.99 -1.43 -0.84
H26 28J A 4 2.85 -3.52 -2.28
H27 28J A 4 1.90 -2.45 -3.33
H28 28J A 4 4.92 -2.75 -3.37
H29 28J A 4 3.99 -1.65 -4.38
H30 28J A 4 3.80 -3.39 -4.57
N DLE A 5 0.97 0.49 -2.96
CA DLE A 5 0.04 0.91 -4.03
CB DLE A 5 0.59 2.10 -4.83
CG DLE A 5 1.92 1.72 -5.50
CD1 DLE A 5 2.96 2.81 -5.27
CD2 DLE A 5 1.69 1.55 -7.01
C DLE A 5 -1.31 1.30 -3.42
O DLE A 5 -2.28 1.47 -4.13
H DLE A 5 1.76 1.04 -2.75
HA DLE A 5 -0.11 0.07 -4.69
HB2 DLE A 5 -0.13 2.37 -5.58
HB3 DLE A 5 0.75 2.95 -4.18
HG DLE A 5 2.28 0.79 -5.10
HD11 DLE A 5 3.92 2.48 -5.60
HD12 DLE A 5 2.99 3.05 -4.22
HD13 DLE A 5 2.68 3.70 -5.82
HD21 DLE A 5 2.63 1.32 -7.49
HD22 DLE A 5 1.29 2.47 -7.41
HD23 DLE A 5 0.98 0.76 -7.18
N DSN A 6 -1.40 1.46 -2.12
CA DSN A 6 -2.66 1.84 -1.51
C DSN A 6 -3.69 0.73 -1.71
O DSN A 6 -4.89 0.97 -1.72
CB DSN A 6 -2.46 2.12 -0.02
OG DSN A 6 -2.07 3.47 0.16
H DSN A 6 -0.61 1.33 -1.56
HA DSN A 6 -3.02 2.75 -1.99
HB2 DSN A 6 -3.38 1.94 0.50
HB3 DSN A 6 -1.70 1.46 0.37
HG DSN A 6 -2.59 3.84 0.88
N LEU A 7 -3.25 -0.50 -1.86
CA LEU A 7 -4.19 -1.59 -2.06
C LEU A 7 -3.73 -2.84 -1.28
N LEU A 8 -3.09 -2.67 -0.15
CA LEU A 8 -2.65 -3.83 0.61
C LEU A 8 -2.83 -3.59 2.12
N DSN A 9 -2.77 -2.36 2.54
CA DSN A 9 -2.94 -2.06 3.95
C DSN A 9 -1.61 -2.24 4.69
O DSN A 9 -1.55 -2.82 5.76
CB DSN A 9 -3.42 -0.62 4.12
OG DSN A 9 -2.78 0.21 3.17
H DSN A 9 -2.62 -1.63 1.90
HA DSN A 9 -3.67 -2.74 4.37
HB2 DSN A 9 -4.49 -0.58 3.96
HB3 DSN A 9 -3.19 -0.27 5.12
HG DSN A 9 -2.12 0.74 3.63
N VAL A 10 -0.53 -1.74 4.13
CA VAL A 10 0.76 -1.87 4.79
C VAL A 10 1.67 -0.72 4.31
C1 FTT B . 6.40 1.77 0.92
C2 FTT B . 6.48 0.85 2.14
C3 FTT B . 6.24 1.68 3.41
C4 FTT B . 5.36 0.88 4.39
C5 FTT B . 5.13 1.72 5.65
C6 FTT B . 4.47 0.84 6.72
C7 FTT B . 4.69 1.45 8.09
C8 FTT B . 3.45 2.25 8.50
C9 FTT B . 3.67 2.87 9.89
C10 FTT B . 2.37 2.83 10.69
C11 FTT B . 2.52 3.68 11.96
C12 FTT B . 1.80 2.98 13.13
C13 FTT B . 2.83 2.18 13.95
C14 FTT B . 3.11 0.92 13.17
O2 FTT B . 6.84 2.89 0.94
O3 FTT B . 7.49 1.97 4.03
H21 FTT B . 7.46 0.40 2.19
H22 FTT B . 5.73 0.07 2.06
H3 FTT B . 5.74 2.61 3.16
H41 FTT B . 5.86 -0.04 4.65
H42 FTT B . 4.41 0.66 3.91
H51 FTT B . 4.48 2.54 5.43
H52 FTT B . 6.07 2.07 6.02
H61 FTT B . 4.90 -0.16 6.69
H62 FTT B . 3.40 0.77 6.52
H71 FTT B . 5.54 2.11 8.07
H72 FTT B . 4.86 0.66 8.81
H81 FTT B . 2.59 1.59 8.55
H82 FTT B . 3.27 3.02 7.79
H91 FTT B . 3.99 3.90 9.77
H92 FTT B . 4.44 2.32 10.42
H101 FTT B . 2.15 1.80 10.96
H102 FTT B . 1.56 3.22 10.09
H111 FTT B . 2.08 4.65 11.80
H112 FTT B . 3.57 3.79 12.20
H121 FTT B . 1.05 2.33 12.74
H122 FTT B . 1.33 3.73 13.75
H131 FTT B . 2.41 1.94 14.92
H132 FTT B . 3.73 2.75 14.08
H141 FTT B . 2.19 0.69 12.62
H142 FTT B . 3.29 0.05 13.77
H143 FTT B . 3.91 1.07 12.46
HO3 FTT B . 7.49 2.90 4.29
N LEU A 1 6.47 2.02 -0.25
CA LEU A 1 5.91 2.30 -1.57
C LEU A 1 4.45 2.75 -1.44
N DGL A 2 4.20 3.75 -0.64
CA DGL A 2 2.83 4.23 -0.47
C DGL A 2 1.97 3.14 0.17
O DGL A 2 0.76 3.17 0.10
CB DGL A 2 2.84 5.47 0.42
CG DGL A 2 1.73 6.42 -0.04
CD DGL A 2 1.69 7.64 0.90
OE1 DGL A 2 0.96 7.59 1.87
OE2 DGL A 2 2.40 8.59 0.61
H DGL A 2 4.93 4.18 -0.15
HA DGL A 2 2.42 4.49 -1.44
HB2 DGL A 2 2.66 5.17 1.44
HB3 DGL A 2 3.80 5.97 0.35
HG2 DGL A 2 1.94 6.75 -1.05
HG3 DGL A 2 0.78 5.92 0.00
N 2TL A 3 2.59 2.17 0.80
CA 2TL A 3 1.82 1.10 1.43
CB 2TL A 3 2.69 0.39 2.48
OG1 2TL A 3 1.89 -0.53 3.22
CG2 2TL A 3 3.30 1.42 3.43
C 2TL A 3 1.37 0.10 0.36
O 2TL A 3 0.34 -0.52 0.46
H 2TL A 3 3.57 2.15 0.84
HA 2TL A 3 0.95 1.52 1.90
HB 2TL A 3 3.48 -0.14 1.98
HG21 2TL A 3 4.34 1.56 3.19
HG22 2TL A 3 3.21 1.07 4.45
HG23 2TL A 3 2.79 2.37 3.33
N 28J A 4 2.16 -0.06 -0.67
CA 28J A 4 1.79 -0.99 -1.73
CB 28J A 4 3.02 -1.29 -2.61
CG2 28J A 4 4.10 -1.96 -1.76
CG1 28J A 4 2.61 -2.25 -3.75
CD1 28J A 4 3.59 -2.07 -4.91
C 28J A 4 0.67 -0.38 -2.58
O 28J A 4 -0.35 -1.00 -2.82
H 28J A 4 2.99 0.45 -0.75
HA 28J A 4 1.44 -1.91 -1.28
H22 28J A 4 3.39 -0.37 -3.02
H23 28J A 4 4.59 -2.72 -2.34
H24 28J A 4 3.65 -2.42 -0.89
H25 28J A 4 4.83 -1.22 -1.44
H26 28J A 4 2.65 -3.26 -3.40
H27 28J A 4 1.61 -2.01 -4.08
H28 28J A 4 3.58 -2.97 -5.52
H29 28J A 4 4.58 -1.91 -4.54
H30 28J A 4 3.29 -1.23 -5.51
N DLE A 5 0.83 0.84 -3.03
CA DLE A 5 -0.22 1.47 -3.83
CB DLE A 5 0.19 2.88 -4.29
CG DLE A 5 1.46 2.82 -5.17
CD1 DLE A 5 2.52 3.78 -4.62
CD2 DLE A 5 1.10 3.22 -6.60
C DLE A 5 -1.51 1.56 -3.02
O DLE A 5 -2.59 1.68 -3.58
H DLE A 5 1.66 1.32 -2.81
HA DLE A 5 -0.40 0.86 -4.71
HB2 DLE A 5 -0.62 3.30 -4.88
HB3 DLE A 5 0.38 3.51 -3.43
HG DLE A 5 1.85 1.81 -5.17
HD11 DLE A 5 2.54 4.68 -5.22
HD12 DLE A 5 3.49 3.31 -4.65
HD13 DLE A 5 2.27 4.05 -3.60
HD21 DLE A 5 1.06 4.30 -6.67
HD22 DLE A 5 0.14 2.81 -6.86
HD23 DLE A 5 1.86 2.85 -7.28
N DSN A 6 -1.43 1.53 -1.72
CA DSN A 6 -2.63 1.62 -0.90
C DSN A 6 -3.54 0.42 -1.20
O DSN A 6 -4.74 0.48 -0.97
CB DSN A 6 -2.24 1.60 0.58
OG DSN A 6 -3.41 1.59 1.38
H DSN A 6 -0.56 1.44 -1.29
HA DSN A 6 -3.14 2.53 -1.13
HB2 DSN A 6 -1.65 0.73 0.79
HB3 DSN A 6 -1.66 2.48 0.80
HG DSN A 6 -3.22 2.05 2.19
N LEU A 7 -3.00 -0.65 -1.69
CA LEU A 7 -3.82 -1.82 -2.00
C LEU A 7 -3.34 -3.02 -1.19
N LEU A 8 -2.69 -2.78 -0.07
CA LEU A 8 -2.22 -3.89 0.74
C LEU A 8 -2.51 -3.62 2.23
N DSN A 9 -3.21 -2.56 2.53
CA DSN A 9 -3.52 -2.26 3.92
C DSN A 9 -2.24 -1.94 4.70
O DSN A 9 -2.17 -2.12 5.89
CB DSN A 9 -4.48 -1.06 4.01
OG DSN A 9 -4.77 -0.80 5.38
H DSN A 9 -3.53 -1.96 1.82
HA DSN A 9 -4.00 -3.12 4.36
HB2 DSN A 9 -4.02 -0.20 3.56
HB3 DSN A 9 -5.40 -1.30 3.50
HG DSN A 9 -5.09 0.10 5.44
N VAL A 10 -1.22 -1.47 4.03
CA VAL A 10 0.02 -1.15 4.73
C VAL A 10 0.80 -0.08 3.94
C1 FTT B . 5.96 1.08 0.50
C2 FTT B . 6.59 0.85 1.88
C3 FTT B . 6.22 -0.54 2.38
C4 FTT B . 7.49 -1.28 2.83
C5 FTT B . 7.89 -2.30 1.76
C6 FTT B . 9.39 -2.55 1.84
C7 FTT B . 9.68 -4.04 1.55
C8 FTT B . 11.01 -4.17 0.82
C9 FTT B . 11.71 -5.46 1.27
C10 FTT B . 12.78 -5.84 0.24
C11 FTT B . 14.05 -5.02 0.50
C12 FTT B . 14.01 -3.74 -0.34
C13 FTT B . 14.69 -2.59 0.44
C14 FTT B . 14.16 -1.30 -0.16
O2 FTT B . 5.01 0.42 0.13
O3 FTT B . 5.33 -0.42 3.49
H21 FTT B . 6.24 1.60 2.57
H22 FTT B . 7.67 0.93 1.78
H3 FTT B . 5.74 -1.10 1.60
H41 FTT B . 7.29 -1.80 3.76
H42 FTT B . 8.28 -0.58 2.98
H51 FTT B . 7.63 -1.92 0.79
H52 FTT B . 7.36 -3.24 1.93
H61 FTT B . 9.75 -2.31 2.83
H62 FTT B . 9.89 -1.95 1.10
H71 FTT B . 8.88 -4.44 0.95
H72 FTT B . 9.73 -4.58 2.49
H81 FTT B . 11.63 -3.32 1.04
H82 FTT B . 10.83 -4.21 -0.25
H91 FTT B . 10.99 -6.25 1.35
H92 FTT B . 12.18 -5.29 2.23
H101 FTT B . 12.42 -5.63 -0.75
H102 FTT B . 13.01 -6.88 0.34
H111 FTT B . 14.92 -5.60 0.22
H112 FTT B . 14.11 -4.76 1.54
H121 FTT B . 12.98 -3.48 -0.54
H122 FTT B . 14.53 -3.91 -1.27
H131 FTT B . 15.77 -2.64 0.31
H132 FTT B . 14.44 -2.64 1.48
H141 FTT B . 13.94 -1.52 -1.21
H142 FTT B . 14.88 -0.49 -0.18
H143 FTT B . 13.25 -1.00 0.34
HO3 FTT B . 5.00 -1.29 3.71
N LEU A 1 6.69 2.42 -0.21
CA LEU A 1 6.13 2.22 -1.54
C LEU A 1 4.66 2.63 -1.55
N DGL A 2 4.32 3.66 -0.81
CA DGL A 2 2.94 4.11 -0.78
C DGL A 2 2.06 3.08 -0.04
O DGL A 2 0.86 3.09 -0.15
CB DGL A 2 2.85 5.46 -0.06
CG DGL A 2 1.81 6.33 -0.72
CD DGL A 2 1.87 7.75 -0.14
OE1 DGL A 2 0.88 8.20 0.40
OE2 DGL A 2 2.92 8.36 -0.26
H DGL A 2 5.00 4.13 -0.29
HA DGL A 2 2.57 4.23 -1.78
HB2 DGL A 2 3.82 5.95 -0.11
HB3 DGL A 2 2.59 5.29 0.98
HG2 DGL A 2 0.82 5.92 -0.54
HG3 DGL A 2 1.98 6.37 -1.79
N 2TL A 3 2.68 2.20 0.72
CA 2TL A 3 1.90 1.20 1.43
CB 2TL A 3 2.79 0.54 2.50
OG1 2TL A 3 2.08 -0.53 3.11
CG2 2TL A 3 3.17 1.58 3.57
C 2TL A 3 1.40 0.14 0.46
O 2TL A 3 0.31 -0.36 0.60
H 2TL A 3 3.65 2.21 0.79
HA 2TL A 3 1.06 1.68 1.92
HB 2TL A 3 3.68 0.16 2.04
HG21 2TL A 3 4.08 1.25 4.06
HG22 2TL A 3 2.38 1.66 4.29
HG23 2TL A 3 3.34 2.53 3.09
N 28J A 4 2.19 -0.21 -0.52
CA 28J A 4 1.76 -1.22 -1.48
CB 28J A 4 2.95 -1.65 -2.34
CG2 28J A 4 4.01 -2.31 -1.43
CG1 28J A 4 2.50 -2.67 -3.38
CD1 28J A 4 3.47 -2.66 -4.57
C 28J A 4 0.67 -0.62 -2.37
O 28J A 4 -0.37 -1.22 -2.58
H 28J A 4 3.07 0.22 -0.61
HA 28J A 4 1.37 -2.07 -0.95
H22 28J A 4 3.39 -0.78 -2.83
H23 28J A 4 4.79 -1.59 -1.20
H24 28J A 4 4.45 -3.15 -1.95
H25 28J A 4 3.55 -2.64 -0.52
H26 28J A 4 2.49 -3.66 -2.95
H27 28J A 4 1.51 -2.42 -3.73
H28 28J A 4 3.41 -1.70 -5.06
H29 28J A 4 3.21 -3.44 -5.26
H30 28J A 4 4.48 -2.81 -4.21
N DLE A 5 0.88 0.56 -2.89
CA DLE A 5 -0.13 1.17 -3.76
CB DLE A 5 0.37 2.50 -4.36
CG DLE A 5 1.63 2.26 -5.21
CD1 DLE A 5 2.75 3.20 -4.75
CD2 DLE A 5 1.31 2.54 -6.69
C DLE A 5 -1.41 1.44 -2.96
O DLE A 5 -2.45 1.68 -3.52
H DLE A 5 1.73 1.02 -2.71
HA DLE A 5 -0.37 0.48 -4.56
HB2 DLE A 5 0.58 3.21 -3.57
HB3 DLE A 5 -0.40 2.91 -4.99
HG DLE A 5 1.96 1.24 -5.11
HD11 DLE A 5 3.68 2.65 -4.70
HD12 DLE A 5 2.51 3.60 -3.77
HD13 DLE A 5 2.85 4.01 -5.45
HD21 DLE A 5 2.21 2.78 -7.21
HD22 DLE A 5 0.62 3.37 -6.75
HD23 DLE A 5 0.85 1.66 -7.12
N DSN A 6 -1.34 1.41 -1.64
CA DSN A 6 -2.53 1.66 -0.84
C DSN A 6 -3.60 0.61 -1.15
O DSN A 6 -4.77 0.83 -0.95
CB DSN A 6 -2.17 1.61 0.65
OG DSN A 6 -1.33 2.71 0.97
H DSN A 6 -0.49 1.21 -1.20
HA DSN A 6 -2.91 2.64 -1.08
HB2 DSN A 6 -1.65 0.68 0.86
HB3 DSN A 6 -3.07 1.66 1.23
HG DSN A 6 -1.88 3.50 1.01
N LEU A 7 -3.20 -0.54 -1.65
CA LEU A 7 -4.18 -1.58 -1.96
C LEU A 7 -3.81 -2.87 -1.22
N LEU A 8 -3.12 -2.77 -0.11
CA LEU A 8 -2.77 -3.98 0.62
C LEU A 8 -2.79 -3.70 2.13
N DSN A 9 -3.44 -2.63 2.54
CA DSN A 9 -3.50 -2.31 3.96
C DSN A 9 -2.09 -2.24 4.55
O DSN A 9 -1.84 -2.75 5.63
CB DSN A 9 -4.20 -0.96 4.15
OG DSN A 9 -3.76 -0.06 3.15
H DSN A 9 -3.88 -2.05 1.90
HA DSN A 9 -4.07 -3.07 4.48
HB2 DSN A 9 -3.95 -0.56 5.12
HB3 DSN A 9 -5.26 -1.10 4.07
HG DSN A 9 -4.47 0.04 2.51
N VAL A 10 -1.17 -1.62 3.86
CA VAL A 10 0.19 -1.52 4.37
C VAL A 10 0.87 -0.30 3.75
C1 FTT B . 6.21 1.78 0.82
C2 FTT B . 6.85 2.04 2.18
C3 FTT B . 7.41 0.73 2.74
C4 FTT B . 8.85 0.54 2.26
C5 FTT B . 9.12 -0.94 2.03
C6 FTT B . 10.63 -1.20 2.10
C7 FTT B . 11.00 -1.62 3.54
C8 FTT B . 11.12 -3.14 3.63
C9 FTT B . 9.82 -3.72 4.21
C10 FTT B . 9.53 -5.07 3.56
C11 FTT B . 8.39 -5.76 4.30
C12 FTT B . 7.06 -5.46 3.60
C13 FTT B . 6.17 -4.62 4.55
C14 FTT B . 4.84 -4.46 3.83
O2 FTT B . 5.27 1.01 0.70
O3 FTT B . 7.39 0.77 4.16
H21 FTT B . 6.11 2.43 2.88
H22 FTT B . 7.65 2.76 2.09
H3 FTT B . 6.81 -0.09 2.39
H41 FTT B . 9.53 0.92 3.01
H42 FTT B . 8.99 1.09 1.33
H51 FTT B . 8.76 -1.23 1.05
H52 FTT B . 8.61 -1.52 2.78
H61 FTT B . 11.17 -0.31 1.84
H62 FTT B . 10.89 -2.00 1.43
H71 FTT B . 10.24 -1.27 4.21
H72 FTT B . 11.95 -1.17 3.80
H81 FTT B . 11.95 -3.40 4.26
H82 FTT B . 11.28 -3.54 2.64
H91 FTT B . 9.00 -3.04 4.01
H92 FTT B . 9.93 -3.84 5.27
H101 FTT B . 10.42 -5.69 3.60
H102 FTT B . 9.25 -4.92 2.52
H111 FTT B . 8.36 -5.40 5.32
H112 FTT B . 8.57 -6.83 4.31
H121 FTT B . 6.56 -6.38 3.38
H122 FTT B . 7.25 -4.91 2.69
H131 FTT B . 6.61 -3.65 4.71
H132 FTT B . 6.03 -5.13 5.49
H141 FTT B . 5.07 -4.48 2.77
H142 FTT B . 4.35 -3.52 4.01
H143 FTT B . 4.18 -5.29 4.08
HO3 FTT B . 6.62 0.28 4.46
#